data_6TPD
#
_entry.id   6TPD
#
_cell.length_a   107.411
_cell.length_b   69.669
_cell.length_c   50.798
_cell.angle_alpha   90.00
_cell.angle_beta   98.45
_cell.angle_gamma   90.00
#
_symmetry.space_group_name_H-M   'C 1 2 1'
#
loop_
_entity.id
_entity.type
_entity.pdbx_description
1 polymer 'Tyrosine-protein kinase JAK2'
2 non-polymer 3-methyl-4-phenyl-2,7-dihydropyrazolo[3,4-b]pyridin-6-one
3 water water
#
_entity_poly.entity_id   1
_entity_poly.type   'polypeptide(L)'
_entity_poly.pdbx_seq_one_letter_code
;TQFEERHLKFLQQLGKGNFGSVEMCRYDPLQDNTGEVVAVKKLQHSTEEHLRDFEREIEILKSLQHDNIVKYKGVCYSAG
RRNLKLIMEYLPYGSLRDYLQKHKERIDHIKLLQYTSQICKGMEYLGTKRYIHRDLATRNILVENENRVKIGDFGLTKVL
PQDKEFFKVKEPGESPIFWYAPESLTESKFSVASDVWSFGVVLYELFTYIEKSKSPPAEFMRMIGNDKQGQSIVTHLIEL
LKNNGRLPRPDGCPDEIYMIMTECWNNNVNQRPSFRDLALRVDQIRDNM
;
_entity_poly.pdbx_strand_id   A
#
loop_
_chem_comp.id
_chem_comp.type
_chem_comp.name
_chem_comp.formula
QZ8 non-polymer 3-methyl-4-phenyl-2,7-dihydropyrazolo[3,4-b]pyridin-6-one 'C13 H11 N3 O'
#
# COMPACT_ATOMS: atom_id res chain seq x y z
N THR A 1 18.77 -11.82 12.69
CA THR A 1 17.51 -11.07 13.01
C THR A 1 17.56 -10.22 14.30
N GLN A 2 18.66 -10.29 15.05
CA GLN A 2 18.93 -9.30 16.07
C GLN A 2 20.17 -8.51 15.67
N PHE A 3 19.92 -7.23 15.36
CA PHE A 3 20.91 -6.29 14.86
C PHE A 3 21.38 -5.41 15.98
N GLU A 4 22.69 -5.21 16.09
CA GLU A 4 23.26 -4.38 17.14
C GLU A 4 23.39 -2.90 16.72
N GLU A 5 22.93 -1.99 17.58
CA GLU A 5 22.89 -0.57 17.24
C GLU A 5 24.25 -0.01 16.81
N ARG A 6 25.33 -0.49 17.43
CA ARG A 6 26.66 0.08 17.18
C ARG A 6 27.18 -0.22 15.76
N HIS A 7 26.62 -1.25 15.12
CA HIS A 7 26.98 -1.62 13.75
C HIS A 7 26.04 -1.14 12.64
N LEU A 8 24.93 -0.48 13.02
CA LEU A 8 23.97 0.10 12.08
C LEU A 8 24.50 1.47 11.71
N LYS A 9 24.89 1.65 10.45
CA LYS A 9 25.53 2.89 10.01
C LYS A 9 24.60 3.67 9.07
N PHE A 10 24.32 4.92 9.46
CA PHE A 10 23.38 5.76 8.70
C PHE A 10 23.92 6.05 7.30
N LEU A 11 23.02 5.97 6.30
CA LEU A 11 23.33 6.31 4.91
C LEU A 11 22.46 7.43 4.31
N GLN A 12 21.16 7.43 4.62
CA GLN A 12 20.23 8.37 4.01
C GLN A 12 18.93 8.36 4.77
N GLN A 13 18.27 9.51 4.86
CA GLN A 13 16.85 9.59 5.22
C GLN A 13 16.03 9.21 4.05
N LEU A 14 15.04 8.34 4.26
CA LEU A 14 14.06 7.97 3.25
C LEU A 14 12.75 8.69 3.64
N GLY A 15 11.60 8.22 3.18
CA GLY A 15 10.32 8.75 3.62
C GLY A 15 10.16 8.96 5.14
N LYS A 16 9.00 9.49 5.54
CA LYS A 16 8.64 9.63 6.94
C LYS A 16 7.29 8.96 7.15
N GLY A 17 7.33 7.63 7.36
CA GLY A 17 6.15 6.81 7.60
C GLY A 17 5.38 7.17 8.88
N ASN A 18 4.26 6.47 9.09
CA ASN A 18 3.27 6.86 10.11
C ASN A 18 3.79 6.79 11.56
N PHE A 19 4.55 5.75 11.88
CA PHE A 19 5.11 5.61 13.22
C PHE A 19 6.27 6.56 13.44
N GLY A 20 6.91 6.97 12.34
CA GLY A 20 8.10 7.80 12.38
C GLY A 20 8.94 7.63 11.13
N SER A 21 10.20 8.08 11.19
CA SER A 21 11.06 8.10 10.04
C SER A 21 11.67 6.74 9.69
N VAL A 22 12.05 6.63 8.40
CA VAL A 22 12.71 5.48 7.83
C VAL A 22 14.05 5.96 7.26
N GLU A 23 15.10 5.20 7.54
CA GLU A 23 16.44 5.50 7.06
C GLU A 23 16.99 4.33 6.26
N MET A 24 17.91 4.63 5.35
CA MET A 24 18.73 3.63 4.71
C MET A 24 19.99 3.55 5.56
N CYS A 25 20.32 2.32 5.99
CA CYS A 25 21.51 2.02 6.77
C CYS A 25 22.31 0.86 6.18
N ARG A 26 23.61 0.78 6.53
CA ARG A 26 24.48 -0.36 6.23
C ARG A 26 24.72 -1.09 7.53
N TYR A 27 24.44 -2.41 7.55
CA TYR A 27 24.73 -3.22 8.72
C TYR A 27 26.06 -3.94 8.56
N ASP A 28 27.05 -3.50 9.34
CA ASP A 28 28.44 -3.83 9.12
C ASP A 28 29.08 -4.40 10.38
N PRO A 29 28.75 -5.67 10.76
CA PRO A 29 29.27 -6.22 12.01
C PRO A 29 30.81 -6.36 12.00
N LEU A 30 31.38 -6.60 10.81
CA LEU A 30 32.84 -6.69 10.62
C LEU A 30 33.60 -5.37 10.73
N GLN A 31 32.86 -4.25 10.89
CA GLN A 31 33.41 -2.87 10.99
C GLN A 31 34.55 -2.57 9.99
N ASP A 32 34.19 -2.41 8.71
CA ASP A 32 35.14 -2.17 7.63
C ASP A 32 34.50 -1.73 6.29
N ASN A 33 33.29 -1.16 6.37
CA ASN A 33 32.29 -1.21 5.28
C ASN A 33 31.90 -2.68 5.02
N THR A 34 31.30 -2.97 3.86
CA THR A 34 31.10 -4.33 3.33
C THR A 34 29.86 -5.10 3.84
N GLY A 35 29.01 -4.41 4.60
CA GLY A 35 27.77 -4.99 5.09
C GLY A 35 26.60 -4.90 4.12
N GLU A 36 25.48 -5.47 4.54
CA GLU A 36 24.19 -5.39 3.87
C GLU A 36 23.54 -4.00 4.09
N VAL A 37 22.94 -3.44 3.03
CA VAL A 37 22.17 -2.21 3.12
C VAL A 37 20.72 -2.59 3.45
N VAL A 38 20.17 -1.90 4.44
CA VAL A 38 18.85 -2.20 4.97
C VAL A 38 18.04 -0.92 5.22
N ALA A 39 16.74 -1.10 5.44
CA ALA A 39 15.84 -0.01 5.77
C ALA A 39 15.53 -0.16 7.22
N VAL A 40 15.56 0.97 7.93
CA VAL A 40 15.38 1.01 9.38
C VAL A 40 14.28 1.98 9.76
N LYS A 41 13.22 1.43 10.35
CA LYS A 41 12.05 2.19 10.75
C LYS A 41 12.12 2.54 12.23
N LYS A 42 11.89 3.82 12.54
CA LYS A 42 11.93 4.31 13.91
C LYS A 42 10.56 4.80 14.33
N LEU A 43 10.30 4.76 15.64
CA LEU A 43 9.08 5.24 16.24
C LEU A 43 9.39 6.59 16.88
N GLN A 44 8.80 7.67 16.35
CA GLN A 44 8.97 9.02 16.93
C GLN A 44 8.56 9.10 18.39
N HIS A 45 7.27 8.81 18.66
CA HIS A 45 6.66 8.94 19.99
C HIS A 45 6.31 7.57 20.55
N SER A 46 7.23 6.99 21.32
CA SER A 46 7.04 5.65 21.91
C SER A 46 6.11 5.66 23.14
N THR A 47 4.84 5.95 22.90
CA THR A 47 3.80 5.88 23.90
C THR A 47 3.35 4.43 24.02
N GLU A 48 2.61 4.13 25.08
CA GLU A 48 2.03 2.80 25.26
C GLU A 48 1.30 2.36 23.97
N GLU A 49 0.43 3.22 23.41
CA GLU A 49 -0.32 2.89 22.17
C GLU A 49 0.53 2.73 20.90
N HIS A 50 1.45 3.68 20.67
CA HIS A 50 2.26 3.71 19.44
C HIS A 50 3.19 2.50 19.38
N LEU A 51 3.71 2.12 20.55
CA LEU A 51 4.55 0.96 20.72
C LEU A 51 3.78 -0.33 20.41
N ARG A 52 2.60 -0.48 21.04
CA ARG A 52 1.74 -1.64 20.81
C ARG A 52 1.46 -1.78 19.31
N ASP A 53 1.13 -0.65 18.68
CA ASP A 53 0.94 -0.59 17.25
C ASP A 53 2.17 -0.98 16.43
N PHE A 54 3.35 -0.44 16.80
CA PHE A 54 4.62 -0.76 16.16
C PHE A 54 4.93 -2.25 16.31
N GLU A 55 4.77 -2.76 17.54
CA GLU A 55 4.94 -4.19 17.80
C GLU A 55 3.99 -5.07 16.94
N ARG A 56 2.76 -4.61 16.71
CA ARG A 56 1.81 -5.34 15.91
C ARG A 56 2.28 -5.43 14.46
N GLU A 57 2.78 -4.31 13.92
CA GLU A 57 3.36 -4.28 12.59
C GLU A 57 4.50 -5.29 12.47
N ILE A 58 5.37 -5.34 13.47
CA ILE A 58 6.53 -6.24 13.45
C ILE A 58 6.07 -7.72 13.37
N GLU A 59 5.08 -8.09 14.19
CA GLU A 59 4.54 -9.45 14.20
C GLU A 59 3.98 -9.80 12.83
N ILE A 60 3.09 -8.94 12.33
CA ILE A 60 2.53 -9.07 10.99
C ILE A 60 3.64 -9.30 9.95
N LEU A 61 4.57 -8.35 9.87
CA LEU A 61 5.62 -8.36 8.86
C LEU A 61 6.50 -9.61 8.98
N LYS A 62 6.79 -10.00 10.22
CA LYS A 62 7.60 -11.18 10.47
C LYS A 62 6.89 -12.47 10.01
N SER A 63 5.55 -12.43 9.96
CA SER A 63 4.73 -13.60 9.62
C SER A 63 4.54 -13.84 8.10
N LEU A 64 5.00 -12.89 7.26
CA LEU A 64 4.79 -12.93 5.83
C LEU A 64 6.11 -13.23 5.13
N GLN A 65 6.07 -14.15 4.15
CA GLN A 65 7.20 -14.46 3.28
C GLN A 65 6.63 -14.70 1.89
N HIS A 66 6.79 -13.72 0.99
CA HIS A 66 6.25 -13.75 -0.37
C HIS A 66 7.09 -12.83 -1.24
N ASP A 67 7.29 -13.18 -2.51
CA ASP A 67 8.09 -12.39 -3.45
C ASP A 67 7.67 -10.93 -3.59
N ASN A 68 6.36 -10.66 -3.44
CA ASN A 68 5.80 -9.33 -3.61
C ASN A 68 5.35 -8.67 -2.30
N ILE A 69 6.01 -9.04 -1.20
CA ILE A 69 5.87 -8.38 0.10
C ILE A 69 7.26 -8.04 0.65
N VAL A 70 7.45 -6.77 1.06
CA VAL A 70 8.74 -6.29 1.57
C VAL A 70 9.26 -7.24 2.67
N LYS A 71 10.54 -7.61 2.56
CA LYS A 71 11.19 -8.53 3.51
C LYS A 71 11.46 -7.96 4.92
N TYR A 72 10.95 -8.68 5.92
CA TYR A 72 11.32 -8.46 7.32
C TYR A 72 12.71 -9.03 7.54
N LYS A 73 13.58 -8.26 8.21
CA LYS A 73 14.92 -8.72 8.52
C LYS A 73 15.16 -8.95 10.00
N GLY A 74 14.57 -8.12 10.86
CA GLY A 74 14.80 -8.26 12.29
C GLY A 74 14.46 -6.99 13.03
N VAL A 75 14.95 -6.90 14.27
CA VAL A 75 14.77 -5.71 15.09
C VAL A 75 16.08 -5.32 15.76
N CYS A 76 16.16 -4.03 16.12
CA CYS A 76 17.32 -3.47 16.76
C CYS A 76 16.81 -2.82 18.04
N TYR A 77 17.31 -3.29 19.17
CA TYR A 77 16.92 -2.75 20.47
C TYR A 77 18.00 -1.76 20.86
N SER A 78 17.87 -0.52 20.40
CA SER A 78 18.91 0.49 20.62
C SER A 78 18.70 1.15 22.00
N ALA A 79 19.60 2.08 22.34
CA ALA A 79 19.57 2.83 23.59
C ALA A 79 19.60 1.92 24.82
N GLY A 80 20.38 0.84 24.76
CA GLY A 80 20.51 -0.10 25.86
C GLY A 80 19.29 -0.98 26.00
N ARG A 81 18.70 -1.37 24.86
CA ARG A 81 17.43 -2.09 24.77
C ARG A 81 16.25 -1.32 25.39
N ARG A 82 16.27 0.01 25.28
CA ARG A 82 15.18 0.85 25.78
C ARG A 82 14.50 1.60 24.64
N ASN A 83 14.77 1.16 23.41
CA ASN A 83 14.14 1.68 22.21
C ASN A 83 14.15 0.51 21.23
N LEU A 84 13.20 0.50 20.31
CA LEU A 84 13.21 -0.53 19.28
C LEU A 84 13.03 0.05 17.89
N LYS A 85 13.67 -0.60 16.93
CA LYS A 85 13.70 -0.21 15.53
C LYS A 85 13.49 -1.46 14.69
N LEU A 86 12.69 -1.31 13.63
CA LEU A 86 12.36 -2.39 12.72
C LEU A 86 13.34 -2.35 11.56
N ILE A 87 13.92 -3.52 11.24
CA ILE A 87 14.88 -3.65 10.16
C ILE A 87 14.25 -4.43 9.02
N MET A 88 14.30 -3.84 7.82
CA MET A 88 13.62 -4.38 6.65
C MET A 88 14.50 -4.34 5.44
N GLU A 89 14.08 -4.99 4.34
CA GLU A 89 14.86 -4.89 3.12
C GLU A 89 14.71 -3.46 2.59
N TYR A 90 15.80 -2.96 1.99
CA TYR A 90 15.88 -1.73 1.24
C TYR A 90 15.65 -1.97 -0.28
N LEU A 91 14.55 -1.43 -0.81
CA LEU A 91 14.21 -1.40 -2.22
C LEU A 91 14.61 -0.04 -2.79
N PRO A 92 15.58 0.00 -3.74
CA PRO A 92 16.25 1.25 -4.13
C PRO A 92 15.42 2.27 -4.89
N TYR A 93 14.31 1.84 -5.48
CA TYR A 93 13.57 2.71 -6.39
C TYR A 93 12.35 3.37 -5.71
N GLY A 94 12.26 3.25 -4.38
CA GLY A 94 11.28 3.96 -3.58
C GLY A 94 9.87 3.53 -3.88
N SER A 95 8.89 4.42 -3.61
CA SER A 95 7.48 4.10 -3.79
C SER A 95 7.14 4.03 -5.29
N LEU A 96 6.17 3.18 -5.59
CA LEU A 96 5.66 3.00 -6.95
C LEU A 96 5.13 4.37 -7.47
N ARG A 97 4.53 5.15 -6.58
CA ARG A 97 4.10 6.50 -6.90
C ARG A 97 5.26 7.38 -7.39
N ASP A 98 6.38 7.41 -6.67
CA ASP A 98 7.52 8.20 -7.13
C ASP A 98 8.15 7.62 -8.42
N TYR A 99 8.33 6.30 -8.45
CA TYR A 99 8.92 5.59 -9.60
C TYR A 99 8.20 5.92 -10.92
N LEU A 100 6.87 5.80 -10.92
CA LEU A 100 6.04 6.12 -12.08
C LEU A 100 6.25 7.57 -12.61
N GLN A 101 6.43 8.51 -11.68
CA GLN A 101 6.76 9.88 -12.01
C GLN A 101 8.21 10.07 -12.45
N LYS A 102 9.16 9.39 -11.79
CA LYS A 102 10.59 9.63 -12.08
C LYS A 102 11.16 8.80 -13.24
N HIS A 103 10.57 7.62 -13.48
CA HIS A 103 11.13 6.66 -14.43
C HIS A 103 10.16 6.24 -15.55
N LYS A 104 9.42 7.22 -16.07
CA LYS A 104 8.51 6.97 -17.19
C LYS A 104 9.24 6.36 -18.39
N GLU A 105 10.52 6.72 -18.56
CA GLU A 105 11.34 6.30 -19.70
C GLU A 105 11.38 4.79 -19.89
N ARG A 106 11.18 4.05 -18.79
CA ARG A 106 11.26 2.59 -18.79
C ARG A 106 9.95 1.92 -18.36
N ILE A 107 8.83 2.64 -18.47
CA ILE A 107 7.54 2.07 -18.15
C ILE A 107 6.61 2.12 -19.35
N ASP A 108 6.01 0.95 -19.67
CA ASP A 108 4.97 0.80 -20.67
C ASP A 108 3.81 0.00 -20.06
N HIS A 109 2.75 -0.23 -20.83
CA HIS A 109 1.56 -0.93 -20.33
C HIS A 109 1.89 -2.35 -19.84
N ILE A 110 2.79 -3.02 -20.56
CA ILE A 110 3.21 -4.36 -20.15
C ILE A 110 3.84 -4.34 -18.76
N LYS A 111 4.73 -3.37 -18.50
CA LYS A 111 5.30 -3.20 -17.15
C LYS A 111 4.19 -2.91 -16.13
N LEU A 112 3.25 -2.02 -16.47
CA LEU A 112 2.11 -1.71 -15.59
C LEU A 112 1.26 -2.94 -15.21
N LEU A 113 1.07 -3.81 -16.19
CA LEU A 113 0.31 -5.03 -15.99
C LEU A 113 1.09 -6.05 -15.13
N GLN A 114 2.42 -6.06 -15.29
CA GLN A 114 3.28 -6.88 -14.47
C GLN A 114 3.16 -6.47 -13.00
N TYR A 115 3.31 -5.16 -12.73
CA TYR A 115 3.14 -4.60 -11.38
C TYR A 115 1.77 -4.95 -10.83
N THR A 116 0.73 -4.78 -11.66
CA THR A 116 -0.65 -5.06 -11.27
C THR A 116 -0.78 -6.48 -10.74
N SER A 117 -0.24 -7.42 -11.52
CA SER A 117 -0.27 -8.85 -11.24
C SER A 117 0.44 -9.18 -9.93
N GLN A 118 1.64 -8.63 -9.78
CA GLN A 118 2.45 -8.81 -8.58
C GLN A 118 1.72 -8.35 -7.31
N ILE A 119 1.05 -7.19 -7.39
CA ILE A 119 0.25 -6.68 -6.26
C ILE A 119 -0.91 -7.62 -5.92
N CYS A 120 -1.62 -8.09 -6.95
CA CYS A 120 -2.70 -9.04 -6.75
C CYS A 120 -2.25 -10.30 -6.02
N LYS A 121 -1.08 -10.82 -6.41
CA LYS A 121 -0.53 -12.03 -5.84
C LYS A 121 -0.13 -11.87 -4.37
N GLY A 122 0.51 -10.74 -4.06
CA GLY A 122 0.79 -10.39 -2.67
C GLY A 122 -0.50 -10.31 -1.89
N MET A 123 -1.54 -9.74 -2.51
CA MET A 123 -2.83 -9.63 -1.85
C MET A 123 -3.55 -10.99 -1.65
N GLU A 124 -3.48 -11.88 -2.64
CA GLU A 124 -3.91 -13.27 -2.42
C GLU A 124 -3.19 -13.86 -1.19
N TYR A 125 -1.88 -13.65 -1.11
CA TYR A 125 -1.08 -14.21 -0.01
C TYR A 125 -1.56 -13.66 1.36
N LEU A 126 -1.77 -12.34 1.44
CA LEU A 126 -2.30 -11.73 2.68
C LEU A 126 -3.62 -12.33 3.12
N GLY A 127 -4.47 -12.66 2.14
CA GLY A 127 -5.79 -13.23 2.39
C GLY A 127 -5.74 -14.60 3.02
N THR A 128 -4.68 -15.36 2.74
CA THR A 128 -4.54 -16.66 3.35
C THR A 128 -4.25 -16.54 4.86
N LYS A 129 -3.72 -15.38 5.28
CA LYS A 129 -3.51 -15.02 6.70
C LYS A 129 -4.69 -14.24 7.31
N ARG A 130 -5.72 -13.99 6.50
CA ARG A 130 -6.88 -13.16 6.86
C ARG A 130 -6.44 -11.76 7.31
N TYR A 131 -5.40 -11.24 6.65
CA TYR A 131 -4.98 -9.88 6.87
C TYR A 131 -5.68 -8.96 5.88
N ILE A 132 -6.23 -7.87 6.41
CA ILE A 132 -6.73 -6.73 5.63
C ILE A 132 -5.66 -5.63 5.67
N HIS A 133 -5.20 -5.19 4.50
CA HIS A 133 -4.14 -4.18 4.41
C HIS A 133 -4.69 -2.78 4.83
N ARG A 134 -5.85 -2.42 4.27
CA ARG A 134 -6.57 -1.16 4.55
C ARG A 134 -5.93 0.12 3.99
N ASP A 135 -4.73 0.02 3.40
CA ASP A 135 -3.98 1.21 2.93
C ASP A 135 -3.25 1.07 1.55
N LEU A 136 -3.82 0.23 0.68
CA LEU A 136 -3.32 0.04 -0.67
C LEU A 136 -3.42 1.30 -1.51
N ALA A 137 -2.28 1.70 -2.08
CA ALA A 137 -2.11 2.93 -2.83
C ALA A 137 -0.69 2.81 -3.34
N THR A 138 -0.40 3.43 -4.49
CA THR A 138 0.95 3.36 -5.05
C THR A 138 2.03 3.98 -4.17
N ARG A 139 1.67 4.92 -3.29
CA ARG A 139 2.62 5.50 -2.32
C ARG A 139 3.10 4.44 -1.31
N ASN A 140 2.31 3.37 -1.13
CA ASN A 140 2.59 2.30 -0.18
C ASN A 140 3.10 0.99 -0.78
N ILE A 141 3.31 1.00 -2.09
CA ILE A 141 4.00 -0.06 -2.77
C ILE A 141 5.42 0.42 -3.07
N LEU A 142 6.39 -0.51 -2.98
CA LEU A 142 7.82 -0.23 -3.15
C LEU A 142 8.37 -0.99 -4.36
N VAL A 143 9.37 -0.41 -5.02
CA VAL A 143 9.98 -0.92 -6.25
C VAL A 143 11.42 -1.41 -6.03
N GLU A 144 11.62 -2.71 -6.19
CA GLU A 144 12.95 -3.30 -6.14
C GLU A 144 13.73 -3.01 -7.42
N ASN A 145 13.07 -3.18 -8.56
CA ASN A 145 13.65 -2.94 -9.87
C ASN A 145 12.53 -2.85 -10.90
N GLU A 146 12.92 -2.64 -12.17
CA GLU A 146 11.94 -2.48 -13.25
C GLU A 146 10.97 -3.66 -13.43
N ASN A 147 11.37 -4.84 -12.94
CA ASN A 147 10.57 -6.06 -13.00
C ASN A 147 9.89 -6.51 -11.70
N ARG A 148 10.02 -5.75 -10.61
CA ARG A 148 9.53 -6.25 -9.33
C ARG A 148 9.10 -5.18 -8.33
N VAL A 149 7.83 -5.27 -7.89
CA VAL A 149 7.26 -4.44 -6.85
C VAL A 149 6.84 -5.31 -5.68
N LYS A 150 6.82 -4.73 -4.48
CA LYS A 150 6.42 -5.41 -3.26
C LYS A 150 5.50 -4.51 -2.44
N ILE A 151 4.42 -5.09 -1.90
CA ILE A 151 3.52 -4.35 -1.01
C ILE A 151 4.27 -4.10 0.31
N GLY A 152 4.20 -2.87 0.82
CA GLY A 152 4.73 -2.48 2.12
C GLY A 152 3.63 -1.85 2.97
N ASP A 153 4.03 -1.07 3.98
CA ASP A 153 3.11 -0.29 4.77
C ASP A 153 2.06 -1.19 5.46
N PHE A 154 2.52 -2.06 6.37
CA PHE A 154 1.62 -2.90 7.17
C PHE A 154 1.27 -2.30 8.52
N GLY A 155 1.49 -1.00 8.68
CA GLY A 155 1.14 -0.25 9.88
C GLY A 155 -0.36 -0.17 10.19
N LEU A 156 -1.21 -0.29 9.16
CA LEU A 156 -2.65 -0.24 9.33
C LEU A 156 -3.36 -1.58 9.19
N THR A 157 -2.58 -2.63 8.93
CA THR A 157 -3.12 -3.96 8.63
C THR A 157 -3.81 -4.53 9.86
N LYS A 158 -4.93 -5.23 9.66
CA LYS A 158 -5.68 -5.87 10.73
C LYS A 158 -5.92 -7.33 10.38
N VAL A 159 -6.09 -8.18 11.40
CA VAL A 159 -6.50 -9.57 11.22
C VAL A 159 -8.00 -9.70 11.42
N LEU A 160 -8.68 -10.36 10.47
CA LEU A 160 -10.08 -10.72 10.59
C LEU A 160 -10.29 -11.78 11.68
N PRO A 161 -11.27 -11.59 12.60
CA PRO A 161 -11.60 -12.61 13.59
C PRO A 161 -11.94 -13.94 12.96
N GLN A 162 -11.72 -15.03 13.72
CA GLN A 162 -11.95 -16.41 13.27
C GLN A 162 -13.03 -16.53 12.20
N ASP A 163 -14.21 -15.96 12.49
CA ASP A 163 -15.43 -16.12 11.68
C ASP A 163 -16.20 -14.82 11.38
N LYS A 164 -15.47 -13.70 11.29
CA LYS A 164 -16.03 -12.41 10.85
C LYS A 164 -15.35 -11.98 9.55
N GLU A 165 -16.16 -11.72 8.52
CA GLU A 165 -15.65 -11.33 7.20
C GLU A 165 -15.28 -9.84 7.08
N PHE A 166 -15.67 -9.04 8.08
CA PHE A 166 -15.31 -7.63 8.13
C PHE A 166 -14.71 -7.26 9.48
N PHE A 167 -13.94 -6.16 9.48
CA PHE A 167 -13.34 -5.57 10.67
C PHE A 167 -13.83 -4.12 10.69
N LYS A 168 -14.39 -3.70 11.83
CA LYS A 168 -14.83 -2.33 12.04
C LYS A 168 -13.75 -1.62 12.82
N VAL A 169 -13.17 -0.56 12.24
CA VAL A 169 -12.09 0.17 12.89
C VAL A 169 -12.68 1.36 13.65
N LYS A 170 -12.60 1.28 14.99
CA LYS A 170 -13.31 2.14 15.96
C LYS A 170 -13.65 3.57 15.49
N GLU A 171 -12.67 4.23 14.84
CA GLU A 171 -12.86 5.54 14.21
C GLU A 171 -11.70 5.88 13.27
N PRO A 172 -11.87 5.73 11.93
CA PRO A 172 -10.86 6.20 10.99
C PRO A 172 -10.87 7.74 10.89
N GLY A 173 -9.88 8.37 11.55
CA GLY A 173 -9.75 9.83 11.59
C GLY A 173 -8.44 10.26 10.94
N GLU A 174 -8.56 11.05 9.87
CA GLU A 174 -7.44 11.38 8.96
C GLU A 174 -7.08 10.13 8.16
N SER A 175 -8.00 9.75 7.28
CA SER A 175 -7.90 8.58 6.41
C SER A 175 -7.59 9.03 4.98
N PRO A 176 -7.03 8.16 4.11
CA PRO A 176 -7.03 8.39 2.66
C PRO A 176 -8.38 8.04 2.01
N ILE A 177 -9.36 8.92 2.21
CA ILE A 177 -10.76 8.68 1.87
C ILE A 177 -11.00 8.37 0.38
N PHE A 178 -10.11 8.87 -0.47
CA PHE A 178 -10.23 8.71 -1.92
C PHE A 178 -9.82 7.35 -2.44
N TRP A 179 -9.37 6.46 -1.53
CA TRP A 179 -9.05 5.07 -1.83
C TRP A 179 -10.03 4.08 -1.22
N TYR A 180 -10.95 4.60 -0.39
CA TYR A 180 -11.84 3.81 0.45
C TYR A 180 -13.10 3.39 -0.25
N ALA A 181 -13.49 2.12 -0.05
CA ALA A 181 -14.80 1.64 -0.43
C ALA A 181 -15.90 2.40 0.31
N PRO A 182 -17.09 2.56 -0.31
CA PRO A 182 -18.19 3.27 0.32
C PRO A 182 -18.51 2.77 1.72
N GLU A 183 -18.54 1.44 1.91
CA GLU A 183 -18.94 0.87 3.20
C GLU A 183 -17.87 1.14 4.26
N SER A 184 -16.62 1.38 3.83
CA SER A 184 -15.56 1.85 4.72
C SER A 184 -15.79 3.32 5.14
N LEU A 185 -16.20 4.16 4.18
CA LEU A 185 -16.55 5.55 4.46
C LEU A 185 -17.81 5.68 5.33
N THR A 186 -18.83 4.88 5.04
CA THR A 186 -20.12 5.03 5.70
C THR A 186 -20.18 4.25 7.03
N GLU A 187 -19.51 3.10 7.09
CA GLU A 187 -19.66 2.19 8.23
C GLU A 187 -18.36 1.77 8.92
N SER A 188 -17.22 2.25 8.42
CA SER A 188 -15.90 1.89 8.92
C SER A 188 -15.62 0.40 8.81
N LYS A 189 -16.22 -0.25 7.80
CA LYS A 189 -16.09 -1.70 7.57
C LYS A 189 -15.00 -1.92 6.57
N PHE A 190 -14.02 -2.74 6.96
CA PHE A 190 -12.90 -3.11 6.12
C PHE A 190 -12.85 -4.62 5.99
N SER A 191 -12.47 -5.08 4.79
CA SER A 191 -12.59 -6.47 4.42
C SER A 191 -11.65 -6.72 3.26
N VAL A 192 -11.55 -7.99 2.87
CA VAL A 192 -10.84 -8.33 1.65
C VAL A 192 -11.46 -7.50 0.52
N ALA A 193 -12.80 -7.46 0.44
CA ALA A 193 -13.52 -6.74 -0.61
C ALA A 193 -13.23 -5.24 -0.67
N SER A 194 -13.02 -4.60 0.49
CA SER A 194 -12.63 -3.20 0.50
C SER A 194 -11.18 -3.04 0.01
N ASP A 195 -10.30 -4.01 0.32
CA ASP A 195 -8.97 -4.03 -0.30
C ASP A 195 -9.04 -4.11 -1.83
N VAL A 196 -10.01 -4.87 -2.35
CA VAL A 196 -10.19 -4.98 -3.79
C VAL A 196 -10.59 -3.61 -4.40
N TRP A 197 -11.48 -2.89 -3.71
CA TRP A 197 -11.92 -1.56 -4.14
C TRP A 197 -10.68 -0.67 -4.26
N SER A 198 -9.88 -0.63 -3.18
CA SER A 198 -8.65 0.15 -3.17
C SER A 198 -7.67 -0.26 -4.25
N PHE A 199 -7.56 -1.57 -4.50
CA PHE A 199 -6.72 -2.09 -5.56
C PHE A 199 -7.16 -1.48 -6.92
N GLY A 200 -8.49 -1.42 -7.14
CA GLY A 200 -9.06 -0.70 -8.27
C GLY A 200 -8.51 0.71 -8.43
N VAL A 201 -8.40 1.44 -7.32
CA VAL A 201 -7.85 2.78 -7.36
C VAL A 201 -6.35 2.72 -7.69
N VAL A 202 -5.63 1.74 -7.13
CA VAL A 202 -4.24 1.51 -7.45
C VAL A 202 -4.08 1.28 -8.98
N LEU A 203 -4.97 0.48 -9.57
CA LEU A 203 -4.90 0.20 -11.02
C LEU A 203 -5.10 1.50 -11.84
N TYR A 204 -6.06 2.33 -11.40
CA TYR A 204 -6.26 3.66 -11.93
C TYR A 204 -4.98 4.50 -11.87
N GLU A 205 -4.36 4.57 -10.67
CA GLU A 205 -3.11 5.28 -10.46
C GLU A 205 -2.06 4.86 -11.46
N LEU A 206 -1.86 3.54 -11.59
CA LEU A 206 -0.87 3.01 -12.53
C LEU A 206 -1.04 3.63 -13.91
N PHE A 207 -2.27 3.57 -14.42
CA PHE A 207 -2.59 4.02 -15.78
C PHE A 207 -2.70 5.54 -15.98
N THR A 208 -2.87 6.30 -14.89
CA THR A 208 -2.74 7.76 -14.95
C THR A 208 -1.30 8.23 -14.98
N TYR A 209 -0.35 7.33 -14.68
CA TYR A 209 1.07 7.62 -14.66
C TYR A 209 1.43 8.70 -13.64
N ILE A 210 0.65 8.77 -12.56
CA ILE A 210 0.72 9.85 -11.56
C ILE A 210 0.95 11.22 -12.24
N GLU A 211 0.12 11.47 -13.26
CA GLU A 211 0.15 12.66 -14.08
C GLU A 211 -0.43 13.83 -13.31
N LYS A 212 0.07 15.03 -13.62
CA LYS A 212 -0.27 16.30 -12.95
C LYS A 212 -1.58 16.29 -12.14
N SER A 213 -2.70 16.29 -12.87
CA SER A 213 -4.02 16.63 -12.32
C SER A 213 -4.99 15.44 -12.24
N LYS A 214 -4.47 14.23 -12.47
CA LYS A 214 -5.30 13.04 -12.65
C LYS A 214 -5.27 12.07 -11.47
N SER A 215 -4.52 12.42 -10.42
CA SER A 215 -4.53 11.66 -9.16
C SER A 215 -5.95 11.53 -8.62
N PRO A 216 -6.29 10.45 -7.87
CA PRO A 216 -7.62 10.30 -7.30
C PRO A 216 -8.13 11.49 -6.47
N PRO A 217 -7.33 12.07 -5.54
CA PRO A 217 -7.77 13.26 -4.83
C PRO A 217 -8.11 14.44 -5.77
N ALA A 218 -7.23 14.73 -6.73
CA ALA A 218 -7.45 15.81 -7.67
C ALA A 218 -8.72 15.59 -8.47
N GLU A 219 -8.91 14.36 -8.97
CA GLU A 219 -10.07 14.04 -9.81
C GLU A 219 -11.36 14.11 -9.04
N PHE A 220 -11.39 13.44 -7.88
CA PHE A 220 -12.56 13.47 -7.02
C PHE A 220 -12.96 14.90 -6.64
N MET A 221 -11.95 15.73 -6.30
CA MET A 221 -12.19 17.12 -5.89
C MET A 221 -12.74 17.98 -7.04
N ARG A 222 -12.29 17.69 -8.27
CA ARG A 222 -12.84 18.30 -9.50
C ARG A 222 -14.31 17.95 -9.67
N MET A 223 -14.66 16.66 -9.48
CA MET A 223 -16.05 16.21 -9.63
C MET A 223 -17.00 16.79 -8.57
N ILE A 224 -16.52 16.83 -7.33
CA ILE A 224 -17.27 17.25 -6.14
C ILE A 224 -17.41 18.76 -6.05
N GLY A 225 -16.38 19.48 -6.52
CA GLY A 225 -16.29 20.91 -6.44
C GLY A 225 -15.06 21.28 -5.64
N ASN A 226 -14.07 21.89 -6.30
CA ASN A 226 -12.76 22.18 -5.69
C ASN A 226 -12.83 23.15 -4.53
N ASP A 227 -13.94 23.90 -4.48
CA ASP A 227 -14.33 24.83 -3.43
C ASP A 227 -14.48 24.19 -2.03
N LYS A 228 -14.83 22.90 -1.99
CA LYS A 228 -15.34 22.24 -0.79
C LYS A 228 -14.21 22.00 0.20
N GLN A 229 -14.53 22.13 1.49
CA GLN A 229 -13.59 21.92 2.58
C GLN A 229 -14.21 21.13 3.71
N GLY A 230 -13.36 20.49 4.50
CA GLY A 230 -13.77 19.83 5.72
C GLY A 230 -14.68 18.66 5.43
N GLN A 231 -15.74 18.55 6.22
CA GLN A 231 -16.66 17.44 6.14
C GLN A 231 -17.56 17.43 4.87
N SER A 232 -17.81 18.59 4.25
CA SER A 232 -18.67 18.65 3.00
C SER A 232 -18.02 17.76 1.94
N ILE A 233 -16.68 17.72 1.90
CA ILE A 233 -15.93 16.83 0.99
C ILE A 233 -16.38 15.37 1.14
N VAL A 234 -16.44 14.91 2.40
CA VAL A 234 -16.75 13.54 2.72
C VAL A 234 -18.20 13.28 2.34
N THR A 235 -19.08 14.20 2.75
CA THR A 235 -20.50 14.12 2.49
C THR A 235 -20.74 13.91 0.96
N HIS A 236 -20.07 14.73 0.12
CA HIS A 236 -20.25 14.69 -1.33
C HIS A 236 -19.57 13.50 -2.02
N LEU A 237 -18.43 13.06 -1.49
CA LEU A 237 -17.74 11.88 -1.98
C LEU A 237 -18.66 10.65 -1.81
N ILE A 238 -19.20 10.49 -0.60
CA ILE A 238 -20.11 9.39 -0.32
C ILE A 238 -21.32 9.37 -1.29
N GLU A 239 -21.99 10.52 -1.40
CA GLU A 239 -23.17 10.66 -2.24
C GLU A 239 -22.80 10.36 -3.71
N LEU A 240 -21.66 10.86 -4.14
CA LEU A 240 -21.16 10.64 -5.49
C LEU A 240 -20.99 9.13 -5.76
N LEU A 241 -20.27 8.45 -4.87
CA LEU A 241 -19.97 7.03 -5.06
C LEU A 241 -21.21 6.15 -4.97
N LYS A 242 -22.11 6.50 -4.05
CA LYS A 242 -23.34 5.75 -3.86
C LYS A 242 -24.20 5.68 -5.14
N ASN A 243 -24.18 6.75 -5.95
CA ASN A 243 -24.98 6.80 -7.16
C ASN A 243 -24.15 6.69 -8.45
N ASN A 244 -23.02 5.96 -8.35
CA ASN A 244 -22.25 5.50 -9.50
C ASN A 244 -21.29 6.53 -10.10
N GLY A 245 -21.03 7.62 -9.37
CA GLY A 245 -19.93 8.50 -9.72
C GLY A 245 -18.63 7.71 -9.57
N ARG A 246 -17.77 7.75 -10.60
CA ARG A 246 -16.51 7.00 -10.62
C ARG A 246 -15.41 7.79 -11.30
N LEU A 247 -14.15 7.50 -10.95
CA LEU A 247 -13.01 8.10 -11.63
C LEU A 247 -13.10 7.77 -13.12
N PRO A 248 -12.64 8.69 -14.02
CA PRO A 248 -12.78 8.52 -15.46
C PRO A 248 -11.70 7.58 -15.95
N ARG A 249 -11.89 7.02 -17.15
CA ARG A 249 -10.88 6.18 -17.78
C ARG A 249 -9.66 7.02 -18.12
N PRO A 250 -8.45 6.72 -17.60
CA PRO A 250 -7.25 7.47 -17.97
C PRO A 250 -7.01 7.52 -19.47
N ASP A 251 -6.33 8.58 -19.93
CA ASP A 251 -5.94 8.72 -21.33
C ASP A 251 -5.05 7.56 -21.68
N GLY A 252 -5.40 6.85 -22.77
CA GLY A 252 -4.59 5.76 -23.28
C GLY A 252 -4.79 4.44 -22.56
N CYS A 253 -5.67 4.42 -21.56
CA CYS A 253 -6.05 3.21 -20.86
C CYS A 253 -6.98 2.36 -21.72
N PRO A 254 -6.63 1.08 -22.02
CA PRO A 254 -7.54 0.18 -22.73
C PRO A 254 -8.88 -0.04 -21.98
N ASP A 255 -9.95 -0.28 -22.74
CA ASP A 255 -11.28 -0.52 -22.16
C ASP A 255 -11.32 -1.73 -21.23
N GLU A 256 -10.61 -2.78 -21.63
CA GLU A 256 -10.49 -4.03 -20.85
C GLU A 256 -9.93 -3.76 -19.45
N ILE A 257 -8.94 -2.86 -19.38
CA ILE A 257 -8.32 -2.49 -18.13
C ILE A 257 -9.27 -1.61 -17.30
N TYR A 258 -9.93 -0.64 -17.94
CA TYR A 258 -10.90 0.22 -17.26
C TYR A 258 -12.06 -0.62 -16.68
N MET A 259 -12.50 -1.64 -17.43
CA MET A 259 -13.52 -2.56 -16.93
C MET A 259 -13.09 -3.28 -15.64
N ILE A 260 -11.79 -3.61 -15.51
CA ILE A 260 -11.26 -4.22 -14.28
C ILE A 260 -11.46 -3.24 -13.13
N MET A 261 -11.01 -2.01 -13.33
CA MET A 261 -11.30 -0.92 -12.39
C MET A 261 -12.77 -0.85 -11.96
N THR A 262 -13.69 -0.84 -12.94
CA THR A 262 -15.10 -0.62 -12.66
C THR A 262 -15.72 -1.82 -11.91
N GLU A 263 -15.23 -3.03 -12.21
CA GLU A 263 -15.65 -4.24 -11.49
C GLU A 263 -15.20 -4.26 -10.01
N CYS A 264 -13.99 -3.76 -9.76
CA CYS A 264 -13.51 -3.56 -8.40
C CYS A 264 -14.37 -2.56 -7.64
N TRP A 265 -14.80 -1.50 -8.34
CA TRP A 265 -15.62 -0.41 -7.76
C TRP A 265 -17.11 -0.71 -7.84
N ASN A 266 -17.51 -1.88 -7.35
CA ASN A 266 -18.90 -2.25 -7.21
C ASN A 266 -19.35 -1.83 -5.81
N ASN A 267 -20.48 -1.12 -5.70
CA ASN A 267 -21.07 -0.81 -4.39
C ASN A 267 -21.48 -2.11 -3.71
N ASN A 268 -21.91 -3.09 -4.50
CA ASN A 268 -22.22 -4.42 -4.02
C ASN A 268 -20.93 -5.17 -3.68
N VAL A 269 -20.64 -5.24 -2.37
CA VAL A 269 -19.47 -5.90 -1.80
C VAL A 269 -19.21 -7.31 -2.36
N ASN A 270 -20.22 -8.18 -2.37
CA ASN A 270 -20.08 -9.57 -2.85
C ASN A 270 -19.75 -9.70 -4.35
N GLN A 271 -20.10 -8.69 -5.13
CA GLN A 271 -19.96 -8.76 -6.57
C GLN A 271 -18.56 -8.36 -7.06
N ARG A 272 -17.76 -7.77 -6.17
CA ARG A 272 -16.38 -7.43 -6.49
C ARG A 272 -15.63 -8.73 -6.76
N PRO A 273 -14.64 -8.73 -7.69
CA PRO A 273 -13.84 -9.93 -7.95
C PRO A 273 -12.91 -10.21 -6.78
N SER A 274 -12.41 -11.44 -6.72
CA SER A 274 -11.37 -11.82 -5.77
C SER A 274 -10.00 -11.45 -6.35
N PHE A 275 -8.98 -11.44 -5.50
CA PHE A 275 -7.63 -11.19 -5.95
C PHE A 275 -7.14 -12.31 -6.86
N ARG A 276 -7.64 -13.53 -6.62
CA ARG A 276 -7.36 -14.69 -7.47
C ARG A 276 -7.98 -14.51 -8.89
N ASP A 277 -9.27 -14.13 -8.95
CA ASP A 277 -9.90 -13.66 -10.19
C ASP A 277 -9.03 -12.63 -10.94
N LEU A 278 -8.53 -11.64 -10.19
CA LEU A 278 -7.83 -10.52 -10.77
C LEU A 278 -6.46 -10.86 -11.33
N ALA A 279 -5.68 -11.61 -10.55
CA ALA A 279 -4.39 -12.15 -11.01
C ALA A 279 -4.52 -12.97 -12.30
N LEU A 280 -5.50 -13.87 -12.35
CA LEU A 280 -5.72 -14.71 -13.52
C LEU A 280 -6.04 -13.83 -14.73
N ARG A 281 -7.02 -12.93 -14.59
CA ARG A 281 -7.45 -12.06 -15.68
C ARG A 281 -6.27 -11.25 -16.21
N VAL A 282 -5.51 -10.62 -15.31
CA VAL A 282 -4.39 -9.77 -15.71
C VAL A 282 -3.30 -10.60 -16.39
N ASP A 283 -3.01 -11.78 -15.85
CA ASP A 283 -1.96 -12.61 -16.43
C ASP A 283 -2.38 -13.14 -17.78
N GLN A 284 -3.68 -13.45 -17.94
CA GLN A 284 -4.22 -13.88 -19.21
C GLN A 284 -4.10 -12.73 -20.21
N ILE A 285 -4.46 -11.52 -19.79
CA ILE A 285 -4.32 -10.38 -20.68
C ILE A 285 -2.86 -10.23 -21.17
N ARG A 286 -1.90 -10.36 -20.26
CA ARG A 286 -0.48 -10.30 -20.60
C ARG A 286 -0.06 -11.41 -21.55
N ASP A 287 -0.60 -12.61 -21.34
CA ASP A 287 -0.20 -13.82 -22.06
C ASP A 287 -0.80 -13.91 -23.45
N ASN A 288 -2.01 -13.38 -23.61
CA ASN A 288 -2.53 -13.04 -24.91
C ASN A 288 -1.65 -11.86 -25.29
N MET A 289 -1.46 -11.62 -26.59
CA MET A 289 -0.51 -10.63 -27.12
C MET A 289 0.65 -11.33 -27.80
C QZ8 B . 10.64 0.35 4.06
C1 QZ8 B . 11.49 0.69 2.83
C2 QZ8 B . 11.60 1.82 2.07
N2 QZ8 B . 12.29 -0.25 2.37
N1 QZ8 B . 12.92 0.27 1.33
C6 QZ8 B . 12.51 1.49 1.14
N QZ8 B . 12.93 2.36 0.13
C5 QZ8 B . 12.39 3.62 0.09
O QZ8 B . 12.77 4.41 -0.79
C4 QZ8 B . 11.45 3.97 1.03
C3 QZ8 B . 11.05 3.07 2.04
C7 QZ8 B . 10.06 3.55 2.92
C12 QZ8 B . 8.92 2.80 3.22
C11 QZ8 B . 7.92 3.29 4.05
C10 QZ8 B . 8.03 4.56 4.59
C9 QZ8 B . 9.13 5.33 4.28
C8 QZ8 B . 10.14 4.84 3.45
#